data_5TXD
# 
_entry.id   5TXD 
# 
_audit_conform.dict_name       mmcif_pdbx.dic 
_audit_conform.dict_version    5.389 
_audit_conform.dict_location   http://mmcif.pdb.org/dictionaries/ascii/mmcif_pdbx.dic 
# 
loop_
_database_2.database_id 
_database_2.database_code 
_database_2.pdbx_database_accession 
_database_2.pdbx_DOI 
PDB   5TXD         pdb_00005txd 10.2210/pdb5txd/pdb 
WWPDB D_1000224982 ?            ?                   
# 
loop_
_pdbx_audit_revision_history.ordinal 
_pdbx_audit_revision_history.data_content_type 
_pdbx_audit_revision_history.major_revision 
_pdbx_audit_revision_history.minor_revision 
_pdbx_audit_revision_history.revision_date 
1 'Structure model' 1 0 2017-11-15 
2 'Structure model' 1 1 2018-10-10 
3 'Structure model' 1 2 2024-03-06 
4 'Structure model' 1 3 2024-04-03 
# 
_pdbx_audit_revision_details.ordinal             1 
_pdbx_audit_revision_details.revision_ordinal    1 
_pdbx_audit_revision_details.data_content_type   'Structure model' 
_pdbx_audit_revision_details.provider            repository 
_pdbx_audit_revision_details.type                'Initial release' 
_pdbx_audit_revision_details.description         ? 
_pdbx_audit_revision_details.details             ? 
# 
loop_
_pdbx_audit_revision_group.ordinal 
_pdbx_audit_revision_group.revision_ordinal 
_pdbx_audit_revision_group.data_content_type 
_pdbx_audit_revision_group.group 
1 2 'Structure model' 'Data collection'        
2 2 'Structure model' 'Database references'    
3 2 'Structure model' 'Structure summary'      
4 3 'Structure model' 'Data collection'        
5 3 'Structure model' 'Database references'    
6 3 'Structure model' 'Structure summary'      
7 4 'Structure model' 'Refinement description' 
# 
loop_
_pdbx_audit_revision_category.ordinal 
_pdbx_audit_revision_category.revision_ordinal 
_pdbx_audit_revision_category.data_content_type 
_pdbx_audit_revision_category.category 
1 2 'Structure model' citation                      
2 2 'Structure model' citation_author               
3 2 'Structure model' entity                        
4 3 'Structure model' chem_comp_atom                
5 3 'Structure model' chem_comp_bond                
6 3 'Structure model' database_2                    
7 3 'Structure model' entity                        
8 4 'Structure model' pdbx_initial_refinement_model 
# 
loop_
_pdbx_audit_revision_item.ordinal 
_pdbx_audit_revision_item.revision_ordinal 
_pdbx_audit_revision_item.data_content_type 
_pdbx_audit_revision_item.item 
1  2 'Structure model' '_citation.country'                   
2  2 'Structure model' '_citation.journal_abbrev'            
3  2 'Structure model' '_citation.journal_id_ASTM'           
4  2 'Structure model' '_citation.journal_id_CSD'            
5  2 'Structure model' '_citation.journal_id_ISSN'           
6  2 'Structure model' '_citation.journal_volume'            
7  2 'Structure model' '_citation.page_first'                
8  2 'Structure model' '_citation.page_last'                 
9  2 'Structure model' '_citation.pdbx_database_id_DOI'      
10 2 'Structure model' '_citation.pdbx_database_id_PubMed'   
11 2 'Structure model' '_citation.title'                     
12 2 'Structure model' '_citation.year'                      
13 2 'Structure model' '_entity.formula_weight'              
14 3 'Structure model' '_database_2.pdbx_DOI'                
15 3 'Structure model' '_database_2.pdbx_database_accession' 
16 3 'Structure model' '_entity.formula_weight'              
# 
_pdbx_database_status.status_code                     REL 
_pdbx_database_status.status_code_sf                  REL 
_pdbx_database_status.status_code_mr                  ? 
_pdbx_database_status.entry_id                        5TXD 
_pdbx_database_status.recvd_initial_deposition_date   2016-11-16 
_pdbx_database_status.SG_entry                        N 
_pdbx_database_status.deposit_site                    RCSB 
_pdbx_database_status.process_site                    RCSB 
_pdbx_database_status.status_code_cs                  ? 
_pdbx_database_status.methods_development_category    ? 
_pdbx_database_status.pdb_format_compatible           Y 
_pdbx_database_status.status_code_nmr_data            ? 
# 
loop_
_pdbx_database_related.content_type 
_pdbx_database_related.db_id 
_pdbx_database_related.db_name 
_pdbx_database_related.details 
unspecified 5TXH PDB . 
unspecified 5TXD PDB . 
# 
loop_
_audit_author.name 
_audit_author.pdbx_ordinal 
'Sangwan, S.'   1 
'Sawaya, M.R.'  2 
'Eisenberg, D.' 3 
# 
_citation.abstract                  ? 
_citation.abstract_id_CAS           ? 
_citation.book_id_ISBN              ? 
_citation.book_publisher            ? 
_citation.book_publisher_city       ? 
_citation.book_title                ? 
_citation.coordinate_linkage        ? 
_citation.country                   US 
_citation.database_id_Medline       ? 
_citation.details                   ? 
_citation.id                        primary 
_citation.journal_abbrev            'Protein Sci.' 
_citation.journal_id_ASTM           PRCIEI 
_citation.journal_id_CSD            0795 
_citation.journal_id_ISSN           1469-896X 
_citation.journal_full              ? 
_citation.journal_issue             ? 
_citation.journal_volume            27 
_citation.language                  ? 
_citation.page_first                1181 
_citation.page_last                 1190 
_citation.title                     'Distal amyloid beta-protein fragments template amyloid assembly.' 
_citation.year                      2018 
_citation.database_id_CSD           ? 
_citation.pdbx_database_id_DOI      10.1002/pro.3375 
_citation.pdbx_database_id_PubMed   29349888 
_citation.unpublished_flag          ? 
# 
loop_
_citation_author.citation_id 
_citation_author.name 
_citation_author.ordinal 
_citation_author.identifier_ORCID 
primary 'Do, T.D.'           1 0000-0002-1978-4365 
primary 'Sangwan, S.'        2 ?                   
primary 'de Almeida, N.E.C.' 3 ?                   
primary 'Ilitchev, A.I.'     4 ?                   
primary 'Giammona, M.'       5 ?                   
primary 'Sawaya, M.R.'       6 ?                   
primary 'Buratto, S.K.'      7 ?                   
primary 'Eisenberg, D.S.'    8 ?                   
primary 'Bowers, M.T.'       9 ?                   
# 
loop_
_entity.id 
_entity.type 
_entity.src_method 
_entity.pdbx_description 
_entity.formula_weight 
_entity.pdbx_number_of_molecules 
_entity.pdbx_ec 
_entity.pdbx_mutation 
_entity.pdbx_fragment 
_entity.details 
1 polymer     syn 'Amyloid beta A4 protein' 649.759 1 ? ? 'unp residues 698-703' ? 
2 non-polymer syn 'PHOSPHATE ION'           94.971  1 ? ? ?                      ? 
3 water       nat water                     18.015  1 ? ? ?                      ? 
# 
_entity_name_com.entity_id   1 
_entity_name_com.name        
;ABPP,APPI,APP,Alzheimer disease amyloid protein,Amyloid precursor protein,Beta-amyloid precursor protein,Cerebral vascular amyloid peptide,CVAP,PreA4,Protease nexin-II,PN-II
;
# 
_entity_poly.entity_id                      1 
_entity_poly.type                           'polypeptide(L)' 
_entity_poly.nstd_linkage                   no 
_entity_poly.nstd_monomer                   no 
_entity_poly.pdbx_seq_one_letter_code       NKGAIF 
_entity_poly.pdbx_seq_one_letter_code_can   NKGAIF 
_entity_poly.pdbx_strand_id                 Z 
_entity_poly.pdbx_target_identifier         ? 
# 
loop_
_pdbx_entity_nonpoly.entity_id 
_pdbx_entity_nonpoly.name 
_pdbx_entity_nonpoly.comp_id 
2 'PHOSPHATE ION' PO4 
3 water           HOH 
# 
loop_
_entity_poly_seq.entity_id 
_entity_poly_seq.num 
_entity_poly_seq.mon_id 
_entity_poly_seq.hetero 
1 1 ASN n 
1 2 LYS n 
1 3 GLY n 
1 4 ALA n 
1 5 ILE n 
1 6 PHE n 
# 
_pdbx_entity_src_syn.entity_id              1 
_pdbx_entity_src_syn.pdbx_src_id            1 
_pdbx_entity_src_syn.pdbx_alt_source_flag   sample 
_pdbx_entity_src_syn.pdbx_beg_seq_num       1 
_pdbx_entity_src_syn.pdbx_end_seq_num       6 
_pdbx_entity_src_syn.organism_scientific    'Homo sapiens' 
_pdbx_entity_src_syn.organism_common_name   Human 
_pdbx_entity_src_syn.ncbi_taxonomy_id       9606 
_pdbx_entity_src_syn.details                synthesized 
# 
loop_
_chem_comp.id 
_chem_comp.type 
_chem_comp.mon_nstd_flag 
_chem_comp.name 
_chem_comp.pdbx_synonyms 
_chem_comp.formula 
_chem_comp.formula_weight 
ALA 'L-peptide linking' y ALANINE         ? 'C3 H7 N O2'     89.093  
ASN 'L-peptide linking' y ASPARAGINE      ? 'C4 H8 N2 O3'    132.118 
GLY 'peptide linking'   y GLYCINE         ? 'C2 H5 N O2'     75.067  
HOH non-polymer         . WATER           ? 'H2 O'           18.015  
ILE 'L-peptide linking' y ISOLEUCINE      ? 'C6 H13 N O2'    131.173 
LYS 'L-peptide linking' y LYSINE          ? 'C6 H15 N2 O2 1' 147.195 
PHE 'L-peptide linking' y PHENYLALANINE   ? 'C9 H11 N O2'    165.189 
PO4 non-polymer         . 'PHOSPHATE ION' ? 'O4 P -3'        94.971  
# 
loop_
_pdbx_poly_seq_scheme.asym_id 
_pdbx_poly_seq_scheme.entity_id 
_pdbx_poly_seq_scheme.seq_id 
_pdbx_poly_seq_scheme.mon_id 
_pdbx_poly_seq_scheme.ndb_seq_num 
_pdbx_poly_seq_scheme.pdb_seq_num 
_pdbx_poly_seq_scheme.auth_seq_num 
_pdbx_poly_seq_scheme.pdb_mon_id 
_pdbx_poly_seq_scheme.auth_mon_id 
_pdbx_poly_seq_scheme.pdb_strand_id 
_pdbx_poly_seq_scheme.pdb_ins_code 
_pdbx_poly_seq_scheme.hetero 
A 1 1 ASN 1 1 1 ASN ASN Z . n 
A 1 2 LYS 2 2 2 LYS LYS Z . n 
A 1 3 GLY 3 3 3 GLY GLY Z . n 
A 1 4 ALA 4 4 4 ALA ALA Z . n 
A 1 5 ILE 5 5 5 ILE ILE Z . n 
A 1 6 PHE 6 6 6 PHE PHE Z . n 
# 
loop_
_pdbx_nonpoly_scheme.asym_id 
_pdbx_nonpoly_scheme.entity_id 
_pdbx_nonpoly_scheme.mon_id 
_pdbx_nonpoly_scheme.ndb_seq_num 
_pdbx_nonpoly_scheme.pdb_seq_num 
_pdbx_nonpoly_scheme.auth_seq_num 
_pdbx_nonpoly_scheme.pdb_mon_id 
_pdbx_nonpoly_scheme.auth_mon_id 
_pdbx_nonpoly_scheme.pdb_strand_id 
_pdbx_nonpoly_scheme.pdb_ins_code 
B 2 PO4 1 101 1 PO4 PO4 Z . 
C 3 HOH 1 201 1 HOH HOH Z . 
# 
loop_
_software.citation_id 
_software.classification 
_software.compiler_name 
_software.compiler_version 
_software.contact_author 
_software.contact_author_email 
_software.date 
_software.description 
_software.dependencies 
_software.hardware 
_software.language 
_software.location 
_software.mods 
_software.name 
_software.os 
_software.os_version 
_software.type 
_software.version 
_software.pdbx_ordinal 
? refinement        ? ? ? ? ? ? ? ? ? ? ? REFMAC      ? ? ? .    1 
? 'data extraction' ? ? ? ? ? ? ? ? ? ? ? PDB_EXTRACT ? ? ? 3.20 2 
? refinement        ? ? ? ? ? ? ? ? ? ? ? PHENIX      ? ? ? .    3 
? 'data reduction'  ? ? ? ? ? ? ? ? ? ? ? XDS         ? ? ? .    4 
? 'data scaling'    ? ? ? ? ? ? ? ? ? ? ? XSCALE      ? ? ? .    5 
? phasing           ? ? ? ? ? ? ? ? ? ? ? PHASER      ? ? ? .    6 
# 
_cell.angle_alpha                  90.000 
_cell.angle_alpha_esd              ? 
_cell.angle_beta                   102.040 
_cell.angle_beta_esd               ? 
_cell.angle_gamma                  90.000 
_cell.angle_gamma_esd              ? 
_cell.entry_id                     5TXD 
_cell.details                      ? 
_cell.formula_units_Z              ? 
_cell.length_a                     29.402 
_cell.length_a_esd                 ? 
_cell.length_b                     4.827 
_cell.length_b_esd                 ? 
_cell.length_c                     26.612 
_cell.length_c_esd                 ? 
_cell.volume                       ? 
_cell.volume_esd                   ? 
_cell.Z_PDB                        4 
_cell.reciprocal_angle_alpha       ? 
_cell.reciprocal_angle_beta        ? 
_cell.reciprocal_angle_gamma       ? 
_cell.reciprocal_angle_alpha_esd   ? 
_cell.reciprocal_angle_beta_esd    ? 
_cell.reciprocal_angle_gamma_esd   ? 
_cell.reciprocal_length_a          ? 
_cell.reciprocal_length_b          ? 
_cell.reciprocal_length_c          ? 
_cell.reciprocal_length_a_esd      ? 
_cell.reciprocal_length_b_esd      ? 
_cell.reciprocal_length_c_esd      ? 
_cell.pdbx_unique_axis             ? 
# 
_symmetry.entry_id                         5TXD 
_symmetry.cell_setting                     ? 
_symmetry.Int_Tables_number                5 
_symmetry.space_group_name_Hall            ? 
_symmetry.space_group_name_H-M             'C 1 2 1' 
_symmetry.pdbx_full_space_group_name_H-M   ? 
# 
_exptl.absorpt_coefficient_mu     ? 
_exptl.absorpt_correction_T_max   ? 
_exptl.absorpt_correction_T_min   ? 
_exptl.absorpt_correction_type    ? 
_exptl.absorpt_process_details    ? 
_exptl.entry_id                   5TXD 
_exptl.crystals_number            1 
_exptl.details                    ? 
_exptl.method                     'X-RAY DIFFRACTION' 
_exptl.method_details             ? 
# 
_exptl_crystal.colour                      ? 
_exptl_crystal.density_diffrn              ? 
_exptl_crystal.density_Matthews            1.42 
_exptl_crystal.density_method              ? 
_exptl_crystal.density_percent_sol         13.45 
_exptl_crystal.description                 ? 
_exptl_crystal.F_000                       ? 
_exptl_crystal.id                          1 
_exptl_crystal.preparation                 ? 
_exptl_crystal.size_max                    ? 
_exptl_crystal.size_mid                    ? 
_exptl_crystal.size_min                    ? 
_exptl_crystal.size_rad                    ? 
_exptl_crystal.colour_lustre               ? 
_exptl_crystal.colour_modifier             ? 
_exptl_crystal.colour_primary              ? 
_exptl_crystal.density_meas                ? 
_exptl_crystal.density_meas_esd            ? 
_exptl_crystal.density_meas_gt             ? 
_exptl_crystal.density_meas_lt             ? 
_exptl_crystal.density_meas_temp           ? 
_exptl_crystal.density_meas_temp_esd       ? 
_exptl_crystal.density_meas_temp_gt        ? 
_exptl_crystal.density_meas_temp_lt        ? 
_exptl_crystal.pdbx_crystal_image_url      ? 
_exptl_crystal.pdbx_crystal_image_format   ? 
_exptl_crystal.pdbx_mosaicity              ? 
_exptl_crystal.pdbx_mosaicity_esd          ? 
# 
_exptl_crystal_grow.apparatus       ? 
_exptl_crystal_grow.atmosphere      ? 
_exptl_crystal_grow.crystal_id      1 
_exptl_crystal_grow.details         ? 
_exptl_crystal_grow.method          'VAPOR DIFFUSION, HANGING DROP' 
_exptl_crystal_grow.method_ref      ? 
_exptl_crystal_grow.pH              5 
_exptl_crystal_grow.pressure        ? 
_exptl_crystal_grow.pressure_esd    ? 
_exptl_crystal_grow.seeding         ? 
_exptl_crystal_grow.seeding_ref     ? 
_exptl_crystal_grow.temp            298 
_exptl_crystal_grow.temp_details    ? 
_exptl_crystal_grow.temp_esd        ? 
_exptl_crystal_grow.time            ? 
_exptl_crystal_grow.pdbx_details    'reservoir contained 20% PEG 3350, 0.2M Potassium Phosphate dibasic' 
_exptl_crystal_grow.pdbx_pH_range   ? 
# 
_diffrn.ambient_environment    ? 
_diffrn.ambient_temp           100 
_diffrn.ambient_temp_details   ? 
_diffrn.ambient_temp_esd       ? 
_diffrn.crystal_id             1 
_diffrn.crystal_support        ? 
_diffrn.crystal_treatment      ? 
_diffrn.details                ? 
_diffrn.id                     1 
_diffrn.ambient_pressure       ? 
_diffrn.ambient_pressure_esd   ? 
_diffrn.ambient_pressure_gt    ? 
_diffrn.ambient_pressure_lt    ? 
_diffrn.ambient_temp_gt        ? 
_diffrn.ambient_temp_lt        ? 
# 
_diffrn_detector.details                      ? 
_diffrn_detector.detector                     CCD 
_diffrn_detector.diffrn_id                    1 
_diffrn_detector.type                         'ADSC QUANTUM 315' 
_diffrn_detector.area_resol_mean              ? 
_diffrn_detector.dtime                        ? 
_diffrn_detector.pdbx_frames_total            ? 
_diffrn_detector.pdbx_collection_time_total   ? 
_diffrn_detector.pdbx_collection_date         2014-12-07 
# 
_diffrn_radiation.collimation                      ? 
_diffrn_radiation.diffrn_id                        1 
_diffrn_radiation.filter_edge                      ? 
_diffrn_radiation.inhomogeneity                    ? 
_diffrn_radiation.monochromator                    ? 
_diffrn_radiation.polarisn_norm                    ? 
_diffrn_radiation.polarisn_ratio                   ? 
_diffrn_radiation.probe                            ? 
_diffrn_radiation.type                             ? 
_diffrn_radiation.xray_symbol                      ? 
_diffrn_radiation.wavelength_id                    1 
_diffrn_radiation.pdbx_monochromatic_or_laue_m_l   M 
_diffrn_radiation.pdbx_wavelength_list             ? 
_diffrn_radiation.pdbx_wavelength                  ? 
_diffrn_radiation.pdbx_diffrn_protocol             'SINGLE WAVELENGTH' 
_diffrn_radiation.pdbx_analyzer                    ? 
_diffrn_radiation.pdbx_scattering_type             x-ray 
# 
_diffrn_radiation_wavelength.id           1 
_diffrn_radiation_wavelength.wavelength   0.9791 
_diffrn_radiation_wavelength.wt           1.0 
# 
_diffrn_source.current                     ? 
_diffrn_source.details                     ? 
_diffrn_source.diffrn_id                   1 
_diffrn_source.power                       ? 
_diffrn_source.size                        ? 
_diffrn_source.source                      SYNCHROTRON 
_diffrn_source.target                      ? 
_diffrn_source.type                        'APS BEAMLINE 24-ID-E' 
_diffrn_source.voltage                     ? 
_diffrn_source.take-off_angle              ? 
_diffrn_source.pdbx_wavelength_list        0.9791 
_diffrn_source.pdbx_wavelength             ? 
_diffrn_source.pdbx_synchrotron_beamline   24-ID-E 
_diffrn_source.pdbx_synchrotron_site       APS 
# 
_reflns.B_iso_Wilson_estimate            ? 
_reflns.entry_id                         5TXD 
_reflns.data_reduction_details           ? 
_reflns.data_reduction_method            ? 
_reflns.d_resolution_high                1.45 
_reflns.d_resolution_low                 26.03 
_reflns.details                          ? 
_reflns.limit_h_max                      ? 
_reflns.limit_h_min                      ? 
_reflns.limit_k_max                      ? 
_reflns.limit_k_min                      ? 
_reflns.limit_l_max                      ? 
_reflns.limit_l_min                      ? 
_reflns.number_all                       ? 
_reflns.number_obs                       679 
_reflns.observed_criterion               ? 
_reflns.observed_criterion_F_max         ? 
_reflns.observed_criterion_F_min         ? 
_reflns.observed_criterion_I_max         ? 
_reflns.observed_criterion_I_min         ? 
_reflns.observed_criterion_sigma_F       ? 
_reflns.observed_criterion_sigma_I       ? 
_reflns.percent_possible_obs             87.39 
_reflns.R_free_details                   ? 
_reflns.Rmerge_F_all                     ? 
_reflns.Rmerge_F_obs                     ? 
_reflns.Friedel_coverage                 ? 
_reflns.number_gt                        ? 
_reflns.threshold_expression             ? 
_reflns.pdbx_redundancy                  2.3 
_reflns.pdbx_Rmerge_I_obs                0.129 
_reflns.pdbx_Rmerge_I_all                ? 
_reflns.pdbx_Rsym_value                  ? 
_reflns.pdbx_netI_over_av_sigmaI         ? 
_reflns.pdbx_netI_over_sigmaI            6.8 
_reflns.pdbx_res_netI_over_av_sigmaI_2   ? 
_reflns.pdbx_res_netI_over_sigmaI_2      ? 
_reflns.pdbx_chi_squared                 ? 
_reflns.pdbx_scaling_rejects             ? 
_reflns.pdbx_d_res_high_opt              ? 
_reflns.pdbx_d_res_low_opt               ? 
_reflns.pdbx_d_res_opt_method            ? 
_reflns.phase_calculation_details        ? 
_reflns.pdbx_Rrim_I_all                  ? 
_reflns.pdbx_Rpim_I_all                  ? 
_reflns.pdbx_d_opt                       ? 
_reflns.pdbx_number_measured_all         ? 
_reflns.pdbx_diffrn_id                   1 
_reflns.pdbx_ordinal                     1 
_reflns.pdbx_CC_half                     ? 
_reflns.pdbx_R_split                     ? 
# 
_reflns_shell.d_res_high                  . 
_reflns_shell.d_res_low                   ? 
_reflns_shell.meanI_over_sigI_all         ? 
_reflns_shell.meanI_over_sigI_obs         ? 
_reflns_shell.number_measured_all         ? 
_reflns_shell.number_measured_obs         ? 
_reflns_shell.number_possible             ? 
_reflns_shell.number_unique_all           ? 
_reflns_shell.number_unique_obs           ? 
_reflns_shell.percent_possible_all        ? 
_reflns_shell.percent_possible_obs        ? 
_reflns_shell.Rmerge_F_all                ? 
_reflns_shell.Rmerge_F_obs                ? 
_reflns_shell.Rmerge_I_all                ? 
_reflns_shell.Rmerge_I_obs                ? 
_reflns_shell.meanI_over_sigI_gt          ? 
_reflns_shell.meanI_over_uI_all           ? 
_reflns_shell.meanI_over_uI_gt            ? 
_reflns_shell.number_measured_gt          ? 
_reflns_shell.number_unique_gt            ? 
_reflns_shell.percent_possible_gt         ? 
_reflns_shell.Rmerge_F_gt                 ? 
_reflns_shell.Rmerge_I_gt                 ? 
_reflns_shell.pdbx_redundancy             ? 
_reflns_shell.pdbx_Rsym_value             ? 
_reflns_shell.pdbx_chi_squared            ? 
_reflns_shell.pdbx_netI_over_sigmaI_all   ? 
_reflns_shell.pdbx_netI_over_sigmaI_obs   ? 
_reflns_shell.pdbx_Rrim_I_all             ? 
_reflns_shell.pdbx_Rpim_I_all             ? 
_reflns_shell.pdbx_rejects                ? 
_reflns_shell.pdbx_ordinal                1 
_reflns_shell.pdbx_diffrn_id              1 
_reflns_shell.pdbx_CC_half                ? 
_reflns_shell.pdbx_R_split                ? 
# 
_refine.aniso_B[1][1]                            ? 
_refine.aniso_B[1][2]                            ? 
_refine.aniso_B[1][3]                            ? 
_refine.aniso_B[2][2]                            ? 
_refine.aniso_B[2][3]                            ? 
_refine.aniso_B[3][3]                            ? 
_refine.B_iso_max                                33.880 
_refine.B_iso_mean                               7.4585 
_refine.B_iso_min                                2.130 
_refine.correlation_coeff_Fo_to_Fc               ? 
_refine.correlation_coeff_Fo_to_Fc_free          ? 
_refine.details                                  ? 
_refine.diff_density_max                         ? 
_refine.diff_density_max_esd                     ? 
_refine.diff_density_min                         ? 
_refine.diff_density_min_esd                     ? 
_refine.diff_density_rms                         ? 
_refine.diff_density_rms_esd                     ? 
_refine.entry_id                                 5TXD 
_refine.pdbx_refine_id                           'X-RAY DIFFRACTION' 
_refine.ls_abs_structure_details                 ? 
_refine.ls_abs_structure_Flack                   ? 
_refine.ls_abs_structure_Flack_esd               ? 
_refine.ls_abs_structure_Rogers                  ? 
_refine.ls_abs_structure_Rogers_esd              ? 
_refine.ls_d_res_high                            1.4520 
_refine.ls_d_res_low                             26.0270 
_refine.ls_extinction_coef                       ? 
_refine.ls_extinction_coef_esd                   ? 
_refine.ls_extinction_expression                 ? 
_refine.ls_extinction_method                     ? 
_refine.ls_goodness_of_fit_all                   ? 
_refine.ls_goodness_of_fit_all_esd               ? 
_refine.ls_goodness_of_fit_obs                   ? 
_refine.ls_goodness_of_fit_obs_esd               ? 
_refine.ls_hydrogen_treatment                    ? 
_refine.ls_matrix_type                           ? 
_refine.ls_number_constraints                    ? 
_refine.ls_number_parameters                     ? 
_refine.ls_number_reflns_all                     ? 
_refine.ls_number_reflns_obs                     679 
_refine.ls_number_reflns_R_free                  76 
_refine.ls_number_reflns_R_work                  ? 
_refine.ls_number_restraints                     ? 
_refine.ls_percent_reflns_obs                    87.3900 
_refine.ls_percent_reflns_R_free                 11.1900 
_refine.ls_R_factor_all                          ? 
_refine.ls_R_factor_obs                          0.1758 
_refine.ls_R_factor_R_free                       0.1912 
_refine.ls_R_factor_R_free_error                 ? 
_refine.ls_R_factor_R_free_error_details         ? 
_refine.ls_R_factor_R_work                       0.1739 
_refine.ls_R_Fsqd_factor_obs                     ? 
_refine.ls_R_I_factor_obs                        ? 
_refine.ls_redundancy_reflns_all                 ? 
_refine.ls_redundancy_reflns_obs                 ? 
_refine.ls_restrained_S_all                      ? 
_refine.ls_restrained_S_obs                      ? 
_refine.ls_shift_over_esd_max                    ? 
_refine.ls_shift_over_esd_mean                   ? 
_refine.ls_structure_factor_coef                 ? 
_refine.ls_weighting_details                     ? 
_refine.ls_weighting_scheme                      ? 
_refine.ls_wR_factor_all                         ? 
_refine.ls_wR_factor_obs                         ? 
_refine.ls_wR_factor_R_free                      ? 
_refine.ls_wR_factor_R_work                      ? 
_refine.occupancy_max                            ? 
_refine.occupancy_min                            ? 
_refine.solvent_model_details                    ? 
_refine.solvent_model_param_bsol                 ? 
_refine.solvent_model_param_ksol                 ? 
_refine.ls_R_factor_gt                           ? 
_refine.ls_goodness_of_fit_gt                    ? 
_refine.ls_goodness_of_fit_ref                   ? 
_refine.ls_shift_over_su_max                     ? 
_refine.ls_shift_over_su_max_lt                  ? 
_refine.ls_shift_over_su_mean                    ? 
_refine.ls_shift_over_su_mean_lt                 ? 
_refine.pdbx_ls_sigma_I                          ? 
_refine.pdbx_ls_sigma_F                          1.440 
_refine.pdbx_ls_sigma_Fsqd                       ? 
_refine.pdbx_data_cutoff_high_absF               ? 
_refine.pdbx_data_cutoff_high_rms_absF           ? 
_refine.pdbx_data_cutoff_low_absF                ? 
_refine.pdbx_isotropic_thermal_model             ? 
_refine.pdbx_ls_cross_valid_method               'FREE R-VALUE' 
_refine.pdbx_method_to_determine_struct          'MOLECULAR REPLACEMENT' 
_refine.pdbx_starting_model                      '6 residue alanine beta strand' 
_refine.pdbx_stereochemistry_target_values       ? 
_refine.pdbx_R_Free_selection_details            ? 
_refine.pdbx_stereochem_target_val_spec_case     ? 
_refine.pdbx_overall_ESU_R                       ? 
_refine.pdbx_overall_ESU_R_Free                  ? 
_refine.pdbx_solvent_vdw_probe_radii             1.1100 
_refine.pdbx_solvent_ion_probe_radii             ? 
_refine.pdbx_solvent_shrinkage_radii             0.9000 
_refine.pdbx_real_space_R                        ? 
_refine.pdbx_density_correlation                 ? 
_refine.pdbx_pd_number_of_powder_patterns        ? 
_refine.pdbx_pd_number_of_points                 ? 
_refine.pdbx_pd_meas_number_of_points            ? 
_refine.pdbx_pd_proc_ls_prof_R_factor            ? 
_refine.pdbx_pd_proc_ls_prof_wR_factor           ? 
_refine.pdbx_pd_Marquardt_correlation_coeff      ? 
_refine.pdbx_pd_Fsqrd_R_factor                   ? 
_refine.pdbx_pd_ls_matrix_band_width             ? 
_refine.pdbx_overall_phase_error                 16.8000 
_refine.pdbx_overall_SU_R_free_Cruickshank_DPI   ? 
_refine.pdbx_overall_SU_R_free_Blow_DPI          ? 
_refine.pdbx_overall_SU_R_Blow_DPI               ? 
_refine.pdbx_TLS_residual_ADP_flag               ? 
_refine.pdbx_diffrn_id                           1 
_refine.overall_SU_B                             ? 
_refine.overall_SU_ML                            0.0200 
_refine.overall_SU_R_Cruickshank_DPI             ? 
_refine.overall_SU_R_free                        ? 
_refine.overall_FOM_free_R_set                   ? 
_refine.overall_FOM_work_R_set                   ? 
_refine.pdbx_average_fsc_overall                 ? 
_refine.pdbx_average_fsc_work                    ? 
_refine.pdbx_average_fsc_free                    ? 
# 
_refine_hist.cycle_id                         final 
_refine_hist.pdbx_refine_id                   'X-RAY DIFFRACTION' 
_refine_hist.d_res_high                       1.4520 
_refine_hist.d_res_low                        26.0270 
_refine_hist.pdbx_number_atoms_ligand         5 
_refine_hist.number_atoms_solvent             1 
_refine_hist.number_atoms_total               52 
_refine_hist.pdbx_number_residues_total       6 
_refine_hist.pdbx_B_iso_mean_ligand           25.69 
_refine_hist.pdbx_B_iso_mean_solvent          20.96 
_refine_hist.pdbx_number_atoms_protein        46 
_refine_hist.pdbx_number_atoms_nucleic_acid   0 
# 
_struct.entry_id                     5TXD 
_struct.title                        'Structure of amyloid-beta derived peptide - NKGAIF' 
_struct.pdbx_model_details           'amyloid fibril' 
_struct.pdbx_formula_weight          ? 
_struct.pdbx_formula_weight_method   ? 
_struct.pdbx_model_type_details      ? 
_struct.pdbx_CASP_flag               N 
# 
_struct_keywords.entry_id        5TXD 
_struct_keywords.text            'protein fibril, DE NOVO PROTEIN' 
_struct_keywords.pdbx_keywords   'DE NOVO PROTEIN' 
# 
loop_
_struct_asym.id 
_struct_asym.pdbx_blank_PDB_chainid_flag 
_struct_asym.pdbx_modified 
_struct_asym.entity_id 
_struct_asym.details 
A N N 1 ? 
B N N 2 ? 
C N N 3 ? 
# 
_struct_ref.id                         1 
_struct_ref.db_name                    UNP 
_struct_ref.db_code                    A4_HUMAN 
_struct_ref.pdbx_db_accession          P05067 
_struct_ref.pdbx_db_isoform            ? 
_struct_ref.entity_id                  1 
_struct_ref.pdbx_seq_one_letter_code   NKGAII 
_struct_ref.pdbx_align_begin           698 
# 
_struct_ref_seq.align_id                      1 
_struct_ref_seq.ref_id                        1 
_struct_ref_seq.pdbx_PDB_id_code              5TXD 
_struct_ref_seq.pdbx_strand_id                Z 
_struct_ref_seq.seq_align_beg                 1 
_struct_ref_seq.pdbx_seq_align_beg_ins_code   ? 
_struct_ref_seq.seq_align_end                 6 
_struct_ref_seq.pdbx_seq_align_end_ins_code   ? 
_struct_ref_seq.pdbx_db_accession             P05067 
_struct_ref_seq.db_align_beg                  698 
_struct_ref_seq.pdbx_db_align_beg_ins_code    ? 
_struct_ref_seq.db_align_end                  703 
_struct_ref_seq.pdbx_db_align_end_ins_code    ? 
_struct_ref_seq.pdbx_auth_seq_align_beg       1 
_struct_ref_seq.pdbx_auth_seq_align_end       6 
# 
_struct_ref_seq_dif.align_id                     1 
_struct_ref_seq_dif.pdbx_pdb_id_code             5TXD 
_struct_ref_seq_dif.mon_id                       PHE 
_struct_ref_seq_dif.pdbx_pdb_strand_id           Z 
_struct_ref_seq_dif.seq_num                      6 
_struct_ref_seq_dif.pdbx_pdb_ins_code            ? 
_struct_ref_seq_dif.pdbx_seq_db_name             UNP 
_struct_ref_seq_dif.pdbx_seq_db_accession_code   P05067 
_struct_ref_seq_dif.db_mon_id                    ILE 
_struct_ref_seq_dif.pdbx_seq_db_seq_num          703 
_struct_ref_seq_dif.details                      conflict 
_struct_ref_seq_dif.pdbx_auth_seq_num            6 
_struct_ref_seq_dif.pdbx_ordinal                 1 
# 
_pdbx_struct_assembly.id                   1 
_pdbx_struct_assembly.details              author_defined_assembly 
_pdbx_struct_assembly.method_details       ? 
_pdbx_struct_assembly.oligomeric_details   octameric 
_pdbx_struct_assembly.oligomeric_count     8 
# 
loop_
_pdbx_struct_assembly_gen.assembly_id 
_pdbx_struct_assembly_gen.oper_expression 
_pdbx_struct_assembly_gen.asym_id_list 
1 1 A,B,C 
1 2 A,B,C 
1 3 A,B,C 
1 4 A,B,C 
1 5 A,B,C 
1 6 A,B,C 
1 7 A,B,C 
1 8 A,B,C 
# 
loop_
_pdbx_struct_oper_list.id 
_pdbx_struct_oper_list.type 
_pdbx_struct_oper_list.name 
_pdbx_struct_oper_list.symmetry_operation 
_pdbx_struct_oper_list.matrix[1][1] 
_pdbx_struct_oper_list.matrix[1][2] 
_pdbx_struct_oper_list.matrix[1][3] 
_pdbx_struct_oper_list.vector[1] 
_pdbx_struct_oper_list.matrix[2][1] 
_pdbx_struct_oper_list.matrix[2][2] 
_pdbx_struct_oper_list.matrix[2][3] 
_pdbx_struct_oper_list.vector[2] 
_pdbx_struct_oper_list.matrix[3][1] 
_pdbx_struct_oper_list.matrix[3][2] 
_pdbx_struct_oper_list.matrix[3][3] 
_pdbx_struct_oper_list.vector[3] 
1 'identity operation'         1_555 x,y,z           1.0000000000  0.0000000000  0.0000000000  0.0000000000  0.0000000000  1.0000000000  0.0000000000 0.0000000000   0.0000000000  0.0000000000 1.0000000000 0.0000000000  
2 'crystal symmetry operation' 1_565 x,y+1,z         1.0000000000  0.0000000000  0.0000000000  -1.6226980420 0.0000000000  1.0000000000  0.0000000000 2.8358579125   0.0000000000  0.0000000000 1.0000000000 3.5531239726  
3 'crystal symmetry operation' 2_555 -x,y,-z         -0.7739779434 -0.3950004382 -0.4949068569 0.9191391161  -0.3950004382 -0.3096897334 0.8649086211 -7.4650995486  -0.4949068569 0.8649086211 0.0836676768 6.3778936625  
4 'crystal symmetry operation' 2_565 -x,y+1,-z       -0.7739779434 -0.3950004382 -0.4949068569 -0.7035589259 -0.3950004382 -0.3096897334 0.8649086211 -4.6292416361  -0.4949068569 0.8649086211 0.0836676768 9.9310176351  
5 'crystal symmetry operation' 3_555 x+1/2,y+1/2,z   1.0000000000  0.0000000000  0.0000000000  -4.0052428399 0.0000000000  1.0000000000  0.0000000000 -10.4733601041 0.0000000000  0.0000000000 1.0000000000 9.8087278061  
6 'crystal symmetry operation' 3_565 x+1/2,y+3/2,z   1.0000000000  0.0000000000  0.0000000000  -5.6279408819 0.0000000000  1.0000000000  0.0000000000 -7.6375021915  0.0000000000  0.0000000000 1.0000000000 13.3618517786 
7 'crystal symmetry operation' 4_555 -x+1/2,y+1/2,-z -0.7739779434 -0.3950004382 -0.4949068569 -3.0861037238 -0.3950004382 -0.3096897334 0.8649086211 -17.9384596527 -0.4949068569 0.8649086211 0.0836676768 16.1866214686 
8 'crystal symmetry operation' 4_565 -x+1/2,y+3/2,-z -0.7739779434 -0.3950004382 -0.4949068569 -4.7088017658 -0.3950004382 -0.3096897334 0.8649086211 -15.1026017402 -0.4949068569 0.8649086211 0.0836676768 19.7397454411 
# 
_struct_biol.id        1 
_struct_biol.details   'The biological assembly is a pair of beta sheets' 
# 
_struct_site.id                   AC1 
_struct_site.pdbx_evidence_code   Software 
_struct_site.pdbx_auth_asym_id    Z 
_struct_site.pdbx_auth_comp_id    PO4 
_struct_site.pdbx_auth_seq_id     101 
_struct_site.pdbx_auth_ins_code   ? 
_struct_site.pdbx_num_residues    6 
_struct_site.details              'binding site for residue PO4 Z 101' 
# 
loop_
_struct_site_gen.id 
_struct_site_gen.site_id 
_struct_site_gen.pdbx_num_res 
_struct_site_gen.label_comp_id 
_struct_site_gen.label_asym_id 
_struct_site_gen.label_seq_id 
_struct_site_gen.pdbx_auth_ins_code 
_struct_site_gen.auth_comp_id 
_struct_site_gen.auth_asym_id 
_struct_site_gen.auth_seq_id 
_struct_site_gen.label_atom_id 
_struct_site_gen.label_alt_id 
_struct_site_gen.symmetry 
_struct_site_gen.details 
1 AC1 6 ASN A 1 ? ASN Z 1   . ? 1_555 ? 
2 AC1 6 ASN A 1 ? ASN Z 1   . ? 4_456 ? 
3 AC1 6 LYS A 2 ? LYS Z 2   . ? 1_555 ? 
4 AC1 6 LYS A 2 ? LYS Z 2   . ? 2_556 ? 
5 AC1 6 PHE A 6 ? PHE Z 6   . ? 1_556 ? 
6 AC1 6 HOH C . ? HOH Z 201 . ? 1_555 ? 
# 
loop_
_chem_comp_atom.comp_id 
_chem_comp_atom.atom_id 
_chem_comp_atom.type_symbol 
_chem_comp_atom.pdbx_aromatic_flag 
_chem_comp_atom.pdbx_stereo_config 
_chem_comp_atom.pdbx_ordinal 
ALA N    N N N 1   
ALA CA   C N S 2   
ALA C    C N N 3   
ALA O    O N N 4   
ALA CB   C N N 5   
ALA OXT  O N N 6   
ALA H    H N N 7   
ALA H2   H N N 8   
ALA HA   H N N 9   
ALA HB1  H N N 10  
ALA HB2  H N N 11  
ALA HB3  H N N 12  
ALA HXT  H N N 13  
ASN N    N N N 14  
ASN CA   C N S 15  
ASN C    C N N 16  
ASN O    O N N 17  
ASN CB   C N N 18  
ASN CG   C N N 19  
ASN OD1  O N N 20  
ASN ND2  N N N 21  
ASN OXT  O N N 22  
ASN H    H N N 23  
ASN H2   H N N 24  
ASN HA   H N N 25  
ASN HB2  H N N 26  
ASN HB3  H N N 27  
ASN HD21 H N N 28  
ASN HD22 H N N 29  
ASN HXT  H N N 30  
GLY N    N N N 31  
GLY CA   C N N 32  
GLY C    C N N 33  
GLY O    O N N 34  
GLY OXT  O N N 35  
GLY H    H N N 36  
GLY H2   H N N 37  
GLY HA2  H N N 38  
GLY HA3  H N N 39  
GLY HXT  H N N 40  
HOH O    O N N 41  
HOH H1   H N N 42  
HOH H2   H N N 43  
ILE N    N N N 44  
ILE CA   C N S 45  
ILE C    C N N 46  
ILE O    O N N 47  
ILE CB   C N S 48  
ILE CG1  C N N 49  
ILE CG2  C N N 50  
ILE CD1  C N N 51  
ILE OXT  O N N 52  
ILE H    H N N 53  
ILE H2   H N N 54  
ILE HA   H N N 55  
ILE HB   H N N 56  
ILE HG12 H N N 57  
ILE HG13 H N N 58  
ILE HG21 H N N 59  
ILE HG22 H N N 60  
ILE HG23 H N N 61  
ILE HD11 H N N 62  
ILE HD12 H N N 63  
ILE HD13 H N N 64  
ILE HXT  H N N 65  
LYS N    N N N 66  
LYS CA   C N S 67  
LYS C    C N N 68  
LYS O    O N N 69  
LYS CB   C N N 70  
LYS CG   C N N 71  
LYS CD   C N N 72  
LYS CE   C N N 73  
LYS NZ   N N N 74  
LYS OXT  O N N 75  
LYS H    H N N 76  
LYS H2   H N N 77  
LYS HA   H N N 78  
LYS HB2  H N N 79  
LYS HB3  H N N 80  
LYS HG2  H N N 81  
LYS HG3  H N N 82  
LYS HD2  H N N 83  
LYS HD3  H N N 84  
LYS HE2  H N N 85  
LYS HE3  H N N 86  
LYS HZ1  H N N 87  
LYS HZ2  H N N 88  
LYS HZ3  H N N 89  
LYS HXT  H N N 90  
PHE N    N N N 91  
PHE CA   C N S 92  
PHE C    C N N 93  
PHE O    O N N 94  
PHE CB   C N N 95  
PHE CG   C Y N 96  
PHE CD1  C Y N 97  
PHE CD2  C Y N 98  
PHE CE1  C Y N 99  
PHE CE2  C Y N 100 
PHE CZ   C Y N 101 
PHE OXT  O N N 102 
PHE H    H N N 103 
PHE H2   H N N 104 
PHE HA   H N N 105 
PHE HB2  H N N 106 
PHE HB3  H N N 107 
PHE HD1  H N N 108 
PHE HD2  H N N 109 
PHE HE1  H N N 110 
PHE HE2  H N N 111 
PHE HZ   H N N 112 
PHE HXT  H N N 113 
PO4 P    P N N 114 
PO4 O1   O N N 115 
PO4 O2   O N N 116 
PO4 O3   O N N 117 
PO4 O4   O N N 118 
# 
loop_
_chem_comp_bond.comp_id 
_chem_comp_bond.atom_id_1 
_chem_comp_bond.atom_id_2 
_chem_comp_bond.value_order 
_chem_comp_bond.pdbx_aromatic_flag 
_chem_comp_bond.pdbx_stereo_config 
_chem_comp_bond.pdbx_ordinal 
ALA N   CA   sing N N 1   
ALA N   H    sing N N 2   
ALA N   H2   sing N N 3   
ALA CA  C    sing N N 4   
ALA CA  CB   sing N N 5   
ALA CA  HA   sing N N 6   
ALA C   O    doub N N 7   
ALA C   OXT  sing N N 8   
ALA CB  HB1  sing N N 9   
ALA CB  HB2  sing N N 10  
ALA CB  HB3  sing N N 11  
ALA OXT HXT  sing N N 12  
ASN N   CA   sing N N 13  
ASN N   H    sing N N 14  
ASN N   H2   sing N N 15  
ASN CA  C    sing N N 16  
ASN CA  CB   sing N N 17  
ASN CA  HA   sing N N 18  
ASN C   O    doub N N 19  
ASN C   OXT  sing N N 20  
ASN CB  CG   sing N N 21  
ASN CB  HB2  sing N N 22  
ASN CB  HB3  sing N N 23  
ASN CG  OD1  doub N N 24  
ASN CG  ND2  sing N N 25  
ASN ND2 HD21 sing N N 26  
ASN ND2 HD22 sing N N 27  
ASN OXT HXT  sing N N 28  
GLY N   CA   sing N N 29  
GLY N   H    sing N N 30  
GLY N   H2   sing N N 31  
GLY CA  C    sing N N 32  
GLY CA  HA2  sing N N 33  
GLY CA  HA3  sing N N 34  
GLY C   O    doub N N 35  
GLY C   OXT  sing N N 36  
GLY OXT HXT  sing N N 37  
HOH O   H1   sing N N 38  
HOH O   H2   sing N N 39  
ILE N   CA   sing N N 40  
ILE N   H    sing N N 41  
ILE N   H2   sing N N 42  
ILE CA  C    sing N N 43  
ILE CA  CB   sing N N 44  
ILE CA  HA   sing N N 45  
ILE C   O    doub N N 46  
ILE C   OXT  sing N N 47  
ILE CB  CG1  sing N N 48  
ILE CB  CG2  sing N N 49  
ILE CB  HB   sing N N 50  
ILE CG1 CD1  sing N N 51  
ILE CG1 HG12 sing N N 52  
ILE CG1 HG13 sing N N 53  
ILE CG2 HG21 sing N N 54  
ILE CG2 HG22 sing N N 55  
ILE CG2 HG23 sing N N 56  
ILE CD1 HD11 sing N N 57  
ILE CD1 HD12 sing N N 58  
ILE CD1 HD13 sing N N 59  
ILE OXT HXT  sing N N 60  
LYS N   CA   sing N N 61  
LYS N   H    sing N N 62  
LYS N   H2   sing N N 63  
LYS CA  C    sing N N 64  
LYS CA  CB   sing N N 65  
LYS CA  HA   sing N N 66  
LYS C   O    doub N N 67  
LYS C   OXT  sing N N 68  
LYS CB  CG   sing N N 69  
LYS CB  HB2  sing N N 70  
LYS CB  HB3  sing N N 71  
LYS CG  CD   sing N N 72  
LYS CG  HG2  sing N N 73  
LYS CG  HG3  sing N N 74  
LYS CD  CE   sing N N 75  
LYS CD  HD2  sing N N 76  
LYS CD  HD3  sing N N 77  
LYS CE  NZ   sing N N 78  
LYS CE  HE2  sing N N 79  
LYS CE  HE3  sing N N 80  
LYS NZ  HZ1  sing N N 81  
LYS NZ  HZ2  sing N N 82  
LYS NZ  HZ3  sing N N 83  
LYS OXT HXT  sing N N 84  
PHE N   CA   sing N N 85  
PHE N   H    sing N N 86  
PHE N   H2   sing N N 87  
PHE CA  C    sing N N 88  
PHE CA  CB   sing N N 89  
PHE CA  HA   sing N N 90  
PHE C   O    doub N N 91  
PHE C   OXT  sing N N 92  
PHE CB  CG   sing N N 93  
PHE CB  HB2  sing N N 94  
PHE CB  HB3  sing N N 95  
PHE CG  CD1  doub Y N 96  
PHE CG  CD2  sing Y N 97  
PHE CD1 CE1  sing Y N 98  
PHE CD1 HD1  sing N N 99  
PHE CD2 CE2  doub Y N 100 
PHE CD2 HD2  sing N N 101 
PHE CE1 CZ   doub Y N 102 
PHE CE1 HE1  sing N N 103 
PHE CE2 CZ   sing Y N 104 
PHE CE2 HE2  sing N N 105 
PHE CZ  HZ   sing N N 106 
PHE OXT HXT  sing N N 107 
PO4 P   O1   doub N N 108 
PO4 P   O2   sing N N 109 
PO4 P   O3   sing N N 110 
PO4 P   O4   sing N N 111 
# 
_pdbx_initial_refinement_model.accession_code   ? 
_pdbx_initial_refinement_model.id               1 
_pdbx_initial_refinement_model.entity_id_list   ? 
_pdbx_initial_refinement_model.type             'in silico model' 
_pdbx_initial_refinement_model.source_name      Other 
_pdbx_initial_refinement_model.details          '6-residue polyalanine beta strand' 
# 
_atom_sites.entry_id                    5TXD 
_atom_sites.fract_transf_matrix[1][1]   -0.01403486 
_atom_sites.fract_transf_matrix[1][2]   -0.02768294 
_atom_sites.fract_transf_matrix[1][3]   0.01568494 
_atom_sites.fract_transf_matrix[2][1]   -0.06964390 
_atom_sites.fract_transf_matrix[2][2]   0.12171100 
_atom_sites.fract_transf_matrix[2][3]   0.15249505 
_atom_sites.fract_transf_matrix[3][1]   -0.03520991 
_atom_sites.fract_transf_matrix[3][2]   -0.00091260 
_atom_sites.fract_transf_matrix[3][3]   -0.01535186 
_atom_sites.fract_transf_vector[1]      -0.146896 
_atom_sites.fract_transf_vector[2]      -0.384331 
_atom_sites.fract_transf_vector[3]      0.061731 
# 
loop_
_atom_type.symbol 
C 
N 
O 
P 
# 
loop_
_atom_site.group_PDB 
_atom_site.id 
_atom_site.type_symbol 
_atom_site.label_atom_id 
_atom_site.label_alt_id 
_atom_site.label_comp_id 
_atom_site.label_asym_id 
_atom_site.label_entity_id 
_atom_site.label_seq_id 
_atom_site.pdbx_PDB_ins_code 
_atom_site.Cartn_x 
_atom_site.Cartn_y 
_atom_site.Cartn_z 
_atom_site.occupancy 
_atom_site.B_iso_or_equiv 
_atom_site.pdbx_formal_charge 
_atom_site.auth_seq_id 
_atom_site.auth_comp_id 
_atom_site.auth_asym_id 
_atom_site.auth_atom_id 
_atom_site.pdbx_PDB_model_num 
ATOM   1  N N   . ASN A 1 1 ? -7.774  2.894  -5.319 1.00 6.70  ? 1   ASN Z N   1 
ATOM   2  C CA  . ASN A 1 1 ? -6.419  2.361  -5.193 1.00 5.69  ? 1   ASN Z CA  1 
ATOM   3  C C   . ASN A 1 1 ? -6.030  2.072  -3.760 1.00 5.45  ? 1   ASN Z C   1 
ATOM   4  O O   . ASN A 1 1 ? -6.423  2.784  -2.846 1.00 6.38  ? 1   ASN Z O   1 
ATOM   5  C CB  . ASN A 1 1 ? -5.412  3.328  -5.807 1.00 6.14  ? 1   ASN Z CB  1 
ATOM   6  C CG  . ASN A 1 1 ? -5.737  3.646  -7.245 1.00 7.80  ? 1   ASN Z CG  1 
ATOM   7  O OD1 . ASN A 1 1 ? -6.176  2.774  -7.996 1.00 6.89  ? 1   ASN Z OD1 1 
ATOM   8  N ND2 . ASN A 1 1 ? -5.557  4.898  -7.629 1.00 7.52  ? 1   ASN Z ND2 1 
ATOM   9  N N   . LYS A 1 2 ? -5.267  1.007  -3.570 1.00 5.68  ? 2   LYS Z N   1 
ATOM   10 C CA  . LYS A 1 2 ? -4.838  0.599  -2.240 1.00 4.15  ? 2   LYS Z CA  1 
ATOM   11 C C   . LYS A 1 2 ? -3.399  0.114  -2.280 1.00 4.36  ? 2   LYS Z C   1 
ATOM   12 O O   . LYS A 1 2 ? -2.985  -0.516 -3.245 1.00 4.55  ? 2   LYS Z O   1 
ATOM   13 C CB  . LYS A 1 2 ? -5.749  -0.498 -1.690 1.00 3.95  ? 2   LYS Z CB  1 
ATOM   14 C CG  . LYS A 1 2 ? -7.233  -0.193 -1.804 1.00 7.21  ? 2   LYS Z CG  1 
ATOM   15 C CD  . LYS A 1 2 ? -8.073  -1.319 -1.224 1.00 7.88  ? 2   LYS Z CD  1 
ATOM   16 C CE  . LYS A 1 2 ? -8.011  -1.320 0.299  1.00 10.92 ? 2   LYS Z CE  1 
ATOM   17 N NZ  . LYS A 1 2 ? -8.829  -2.437 0.906  1.00 8.72  ? 2   LYS Z NZ  1 
ATOM   18 N N   . GLY A 1 3 ? -2.634  0.403  -1.234 1.00 3.36  ? 3   GLY Z N   1 
ATOM   19 C CA  . GLY A 1 3 ? -1.249  -0.018 -1.195 1.00 3.35  ? 3   GLY Z CA  1 
ATOM   20 C C   . GLY A 1 3 ? -0.675  -0.101 0.202  1.00 2.13  ? 3   GLY Z C   1 
ATOM   21 O O   . GLY A 1 3 ? -1.170  0.533  1.131  1.00 2.67  ? 3   GLY Z O   1 
ATOM   22 N N   . ALA A 1 4 ? 0.386   -0.886 0.339  1.00 3.47  ? 4   ALA Z N   1 
ATOM   23 C CA  . ALA A 1 4 ? 1.111   -0.987 1.592  1.00 3.48  ? 4   ALA Z CA  1 
ATOM   24 C C   . ALA A 1 4 ? 2.591   -0.949 1.320  1.00 3.96  ? 4   ALA Z C   1 
ATOM   25 O O   . ALA A 1 4 ? 3.063   -1.574 0.360  1.00 5.79  ? 4   ALA Z O   1 
ATOM   26 C CB  . ALA A 1 4 ? 0.762   -2.250 2.321  1.00 3.48  ? 4   ALA Z CB  1 
ATOM   27 N N   . ILE A 1 5 ? 3.311   -0.205 2.151  1.00 3.15  ? 5   ILE Z N   1 
ATOM   28 C CA  . ILE A 1 5 ? 4.760   -0.163 2.080  1.00 4.23  ? 5   ILE Z CA  1 
ATOM   29 C C   . ILE A 1 5 ? 5.303   -0.409 3.479  1.00 4.12  ? 5   ILE Z C   1 
ATOM   30 O O   . ILE A 1 5 ? 4.950   0.307  4.418  1.00 4.16  ? 5   ILE Z O   1 
ATOM   31 C CB  . ILE A 1 5 ? 5.288   1.186  1.553  1.00 3.32  ? 5   ILE Z CB  1 
ATOM   32 C CG1 . ILE A 1 5 ? 4.802   1.460  0.118  1.00 3.99  ? 5   ILE Z CG1 1 
ATOM   33 C CG2 . ILE A 1 5 ? 6.808   1.178  1.595  1.00 4.17  ? 5   ILE Z CG2 1 
ATOM   34 C CD1 . ILE A 1 5 ? 3.352   1.950  -0.023 1.00 4.25  ? 5   ILE Z CD1 1 
ATOM   35 N N   . PHE A 1 6 ? 6.145   -1.425 3.629  1.00 5.71  ? 6   PHE Z N   1 
ATOM   36 C CA  . PHE A 1 6 ? 6.635   -1.792 4.957  1.00 5.44  ? 6   PHE Z CA  1 
ATOM   37 C C   . PHE A 1 6 ? 7.912   -2.611 4.896  1.00 7.01  ? 6   PHE Z C   1 
ATOM   38 O O   . PHE A 1 6 ? 8.566   -2.632 3.849  1.00 8.03  ? 6   PHE Z O   1 
ATOM   39 C CB  . PHE A 1 6 ? 5.556   -2.556 5.718  1.00 5.01  ? 6   PHE Z CB  1 
ATOM   40 C CG  . PHE A 1 6 ? 5.049   -3.779 5.003  1.00 4.75  ? 6   PHE Z CG  1 
ATOM   41 C CD1 . PHE A 1 6 ? 4.120   -3.673 3.975  1.00 4.10  ? 6   PHE Z CD1 1 
ATOM   42 C CD2 . PHE A 1 6 ? 5.468   -5.044 5.392  1.00 4.64  ? 6   PHE Z CD2 1 
ATOM   43 C CE1 . PHE A 1 6 ? 3.643   -4.795 3.330  1.00 3.78  ? 6   PHE Z CE1 1 
ATOM   44 C CE2 . PHE A 1 6 ? 4.990   -6.176 4.757  1.00 4.00  ? 6   PHE Z CE2 1 
ATOM   45 C CZ  . PHE A 1 6 ? 4.077   -6.056 3.723  1.00 4.51  ? 6   PHE Z CZ  1 
ATOM   46 O OXT . PHE A 1 6 ? 8.318   -3.251 5.881  1.00 8.38  ? 6   PHE Z OXT 1 
HETATM 47 P P   . PO4 B 2 . ? -10.979 1.716  -4.393 1.00 29.08 ? 101 PO4 Z P   1 
HETATM 48 O O1  . PO4 B 2 . ? -9.578  1.239  -4.096 1.00 15.35 ? 101 PO4 Z O1  1 
HETATM 49 O O2  . PO4 B 2 . ? -11.088 3.193  -4.081 1.00 33.88 ? 101 PO4 Z O2  1 
HETATM 50 O O3  . PO4 B 2 . ? -11.301 1.530  -5.867 1.00 21.93 ? 101 PO4 Z O3  1 
HETATM 51 O O4  . PO4 B 2 . ? -11.941 0.951  -3.518 1.00 28.21 ? 101 PO4 Z O4  1 
HETATM 52 O O   . HOH C 3 . ? -10.750 5.728  -4.535 1.00 20.96 ? 201 HOH Z O   1 
# 
